data_7GA6
#
_entry.id   7GA6
#
_cell.length_a   54.034
_cell.length_b   69.297
_cell.length_c   57.434
_cell.angle_alpha   90.000
_cell.angle_beta   92.290
_cell.angle_gamma   90.000
#
_symmetry.space_group_name_H-M   'P 1 21 1'
#
loop_
_entity.id
_entity.type
_entity.pdbx_description
1 polymer 'Serine protease NS3'
2 non-polymer 1,2-ETHANEDIOL
3 non-polymer 'PHOSPHATE ION'
4 non-polymer (4S)-2-METHYL-2,4-PENTANEDIOL
5 non-polymer 6-bromo-7-hydroxy-2,2-dimethyl-2H,4H-1,3-benzodioxin-4-one
6 water water
#
_entity_poly.entity_id   1
_entity_poly.type   'polypeptide(L)'
_entity_poly.pdbx_seq_one_letter_code
;MLKKKQLTVLDLHPGAGKTRRVLPEIVREAIKKRLRTVILAPTRVVAAEMEEALRGLPVRYMTTAVNVTHSGTEIVDLMC
HATFTSRLLQPIRVPNYNLNIMDEAHFTDPSSIAARGYISTRVEMGEAAAIFMTATPPGTRDAFPDSNSPIMDTEVEVPE
RAWSSGFDWVTDHSGKTVWFVPSVRNGNEIAACLTKAGKRVIQLSRKTFETEFQKTKNQEWDFVITTDISEMGANFKADR
VIDSRRCLKPVILDGERVILAGPMPVTHASAAQRRGRIGRNPNKPGDEYMYGGGCAETDEGHAHWLEARMLLDNIYLQDG
LIASLYRPEADKVAAIEGEFKLRTEQRKTFVELMKRGDLPVWLAYQVASAGITYTDRRWCFDGTTNNTIMEDSVPAEVWT
KYGEKRVLKPRWMDARVCSDHAALKSFKEFAAGKR
;
_entity_poly.pdbx_strand_id   A
#
# COMPACT_ATOMS: atom_id res chain seq x y z
N MET A 1 12.37 6.72 -24.36
CA MET A 1 11.67 6.77 -23.07
C MET A 1 12.25 7.85 -22.16
N LEU A 2 13.58 8.00 -22.19
CA LEU A 2 14.34 8.84 -21.27
C LEU A 2 14.37 10.34 -21.59
N LYS A 3 13.79 10.78 -22.72
CA LYS A 3 13.79 12.21 -23.05
C LYS A 3 12.80 13.02 -22.23
N LYS A 4 13.15 14.28 -21.93
CA LYS A 4 12.31 15.19 -21.15
C LYS A 4 10.86 15.26 -21.65
N LYS A 5 9.95 15.78 -20.81
CA LYS A 5 8.53 15.94 -21.12
C LYS A 5 7.81 14.64 -21.48
N GLN A 6 8.38 13.47 -21.13
CA GLN A 6 7.70 12.21 -21.44
C GLN A 6 7.45 11.28 -20.25
N LEU A 7 6.20 10.81 -20.12
CA LEU A 7 5.78 9.83 -19.14
C LEU A 7 5.40 8.58 -19.93
N THR A 8 6.10 7.48 -19.69
CA THR A 8 5.83 6.22 -20.36
C THR A 8 5.18 5.23 -19.39
N VAL A 9 4.13 4.52 -19.82
CA VAL A 9 3.52 3.50 -19.01
C VAL A 9 4.00 2.16 -19.56
N LEU A 10 4.84 1.44 -18.81
CA LEU A 10 5.37 0.14 -19.23
C LEU A 10 4.37 -0.89 -18.69
N ASP A 11 3.40 -1.28 -19.54
CA ASP A 11 2.33 -2.15 -19.11
C ASP A 11 2.42 -3.58 -19.63
N LEU A 12 3.62 -4.20 -19.57
CA LEU A 12 3.75 -5.63 -19.94
C LEU A 12 2.97 -6.47 -18.90
N HIS A 13 2.44 -7.62 -19.30
CA HIS A 13 1.64 -8.48 -18.41
C HIS A 13 2.42 -8.94 -17.15
N PRO A 14 1.72 -9.38 -16.07
CA PRO A 14 2.44 -9.82 -14.86
C PRO A 14 3.41 -10.96 -15.17
N GLY A 15 4.65 -10.84 -14.68
CA GLY A 15 5.66 -11.85 -14.94
C GLY A 15 6.38 -11.74 -16.27
N ALA A 16 6.12 -10.65 -17.03
CA ALA A 16 6.82 -10.48 -18.32
C ALA A 16 8.29 -10.03 -18.20
N GLY A 17 8.75 -9.71 -16.99
CA GLY A 17 10.14 -9.34 -16.78
C GLY A 17 10.45 -7.86 -16.65
N LYS A 18 9.45 -7.06 -16.25
CA LYS A 18 9.66 -5.62 -16.07
C LYS A 18 10.80 -5.31 -15.08
N THR A 19 10.86 -6.00 -13.94
CA THR A 19 11.88 -5.75 -12.93
C THR A 19 13.24 -6.41 -13.22
N ARG A 20 13.24 -7.72 -13.54
CA ARG A 20 14.49 -8.44 -13.75
C ARG A 20 15.14 -8.19 -15.09
N ARG A 21 14.36 -7.90 -16.13
CA ARG A 21 14.91 -7.70 -17.46
C ARG A 21 14.87 -6.26 -17.99
N VAL A 22 13.71 -5.60 -17.94
CA VAL A 22 13.60 -4.23 -18.46
C VAL A 22 14.32 -3.20 -17.57
N LEU A 23 14.01 -3.17 -16.26
CA LEU A 23 14.61 -2.22 -15.30
C LEU A 23 16.16 -2.09 -15.40
N PRO A 24 16.98 -3.18 -15.44
CA PRO A 24 18.45 -2.98 -15.55
C PRO A 24 18.89 -2.28 -16.83
N GLU A 25 18.21 -2.56 -17.96
CA GLU A 25 18.49 -1.95 -19.26
C GLU A 25 18.22 -0.43 -19.21
N ILE A 26 17.09 -0.02 -18.60
CA ILE A 26 16.74 1.39 -18.44
C ILE A 26 17.83 2.10 -17.59
N VAL A 27 18.25 1.45 -16.48
CA VAL A 27 19.26 1.99 -15.57
C VAL A 27 20.63 2.18 -16.26
N ARG A 28 21.05 1.20 -17.08
CA ARG A 28 22.30 1.30 -17.82
C ARG A 28 22.23 2.49 -18.79
N GLU A 29 21.12 2.59 -19.52
CA GLU A 29 20.92 3.70 -20.46
C GLU A 29 20.90 5.05 -19.73
N ALA A 30 20.27 5.13 -18.56
CA ALA A 30 20.21 6.39 -17.80
C ALA A 30 21.59 6.84 -17.31
N ILE A 31 22.38 5.90 -16.78
CA ILE A 31 23.75 6.12 -16.32
C ILE A 31 24.63 6.61 -17.52
N LYS A 32 24.50 5.96 -18.71
CA LYS A 32 25.23 6.33 -19.94
C LYS A 32 24.94 7.82 -20.31
N LYS A 33 23.68 8.25 -20.11
CA LYS A 33 23.26 9.62 -20.44
C LYS A 33 23.40 10.64 -19.32
N ARG A 34 23.94 10.22 -18.16
CA ARG A 34 24.14 11.07 -16.98
C ARG A 34 22.83 11.67 -16.49
N LEU A 35 21.79 10.84 -16.43
CA LEU A 35 20.49 11.29 -15.93
C LEU A 35 20.47 10.99 -14.46
N ARG A 36 20.23 12.02 -13.63
CA ARG A 36 20.04 11.83 -12.20
C ARG A 36 18.70 11.05 -12.04
N THR A 37 18.76 9.79 -11.60
CA THR A 37 17.59 8.91 -11.61
C THR A 37 17.14 8.42 -10.22
N VAL A 38 15.82 8.26 -10.03
CA VAL A 38 15.28 7.67 -8.82
C VAL A 38 14.44 6.45 -9.22
N ILE A 39 14.62 5.34 -8.50
CA ILE A 39 13.87 4.11 -8.66
C ILE A 39 13.04 3.96 -7.38
N LEU A 40 11.71 3.86 -7.52
CA LEU A 40 10.78 3.77 -6.40
C LEU A 40 10.17 2.37 -6.29
N ALA A 41 10.48 1.66 -5.19
CA ALA A 41 10.00 0.31 -4.85
C ALA A 41 8.80 0.44 -3.90
N PRO A 42 7.73 -0.36 -4.05
CA PRO A 42 6.58 -0.22 -3.13
C PRO A 42 6.87 -0.64 -1.68
N THR A 43 7.70 -1.68 -1.50
CA THR A 43 8.04 -2.26 -0.20
C THR A 43 9.57 -2.53 -0.06
N ARG A 44 10.01 -2.81 1.17
CA ARG A 44 11.41 -3.15 1.44
CA ARG A 44 11.41 -3.14 1.44
C ARG A 44 11.74 -4.51 0.81
N VAL A 45 10.74 -5.42 0.67
CA VAL A 45 10.92 -6.74 0.06
C VAL A 45 11.20 -6.55 -1.44
N VAL A 46 10.48 -5.62 -2.10
CA VAL A 46 10.72 -5.37 -3.53
C VAL A 46 12.10 -4.72 -3.69
N ALA A 47 12.47 -3.78 -2.79
CA ALA A 47 13.79 -3.13 -2.81
C ALA A 47 14.92 -4.16 -2.78
N ALA A 48 14.77 -5.23 -1.97
CA ALA A 48 15.76 -6.33 -1.89
C ALA A 48 15.82 -7.10 -3.20
N GLU A 49 14.67 -7.40 -3.80
CA GLU A 49 14.63 -8.09 -5.10
C GLU A 49 15.29 -7.26 -6.20
N MET A 50 15.16 -5.93 -6.12
CA MET A 50 15.76 -5.02 -7.10
C MET A 50 17.24 -4.98 -7.00
N GLU A 51 17.81 -5.05 -5.77
CA GLU A 51 19.26 -5.09 -5.62
C GLU A 51 19.84 -6.33 -6.34
N GLU A 52 19.12 -7.46 -6.30
CA GLU A 52 19.58 -8.70 -6.97
C GLU A 52 19.59 -8.51 -8.50
N ALA A 53 18.54 -7.88 -9.04
CA ALA A 53 18.41 -7.64 -10.47
C ALA A 53 19.39 -6.58 -10.97
N LEU A 54 19.77 -5.63 -10.11
CA LEU A 54 20.67 -4.55 -10.49
C LEU A 54 22.10 -4.74 -9.97
N ARG A 55 22.45 -5.93 -9.46
CA ARG A 55 23.78 -6.18 -8.89
C ARG A 55 24.91 -5.82 -9.87
N GLY A 56 25.92 -5.12 -9.37
CA GLY A 56 27.03 -4.66 -10.22
C GLY A 56 26.82 -3.28 -10.82
N LEU A 57 25.60 -2.73 -10.71
CA LEU A 57 25.31 -1.40 -11.23
C LEU A 57 25.47 -0.38 -10.12
N PRO A 58 25.96 0.82 -10.44
CA PRO A 58 26.14 1.83 -9.39
C PRO A 58 24.83 2.47 -8.92
N VAL A 59 24.17 1.84 -7.94
CA VAL A 59 22.90 2.34 -7.39
C VAL A 59 23.03 2.56 -5.88
N ARG A 60 22.56 3.73 -5.39
CA ARG A 60 22.58 4.08 -3.98
C ARG A 60 21.25 3.60 -3.38
N TYR A 61 21.30 2.61 -2.49
CA TYR A 61 20.14 2.01 -1.83
C TYR A 61 19.79 2.75 -0.55
N MET A 62 18.84 3.68 -0.64
CA MET A 62 18.40 4.48 0.50
C MET A 62 17.36 3.73 1.36
N THR A 63 17.76 2.54 1.87
CA THR A 63 16.93 1.66 2.68
C THR A 63 17.81 0.70 3.49
N THR A 64 17.45 0.41 4.75
CA THR A 64 18.21 -0.59 5.54
C THR A 64 17.81 -2.04 5.15
N ALA A 65 16.95 -2.23 4.15
CA ALA A 65 16.58 -3.59 3.71
C ALA A 65 17.68 -4.26 2.85
N VAL A 66 18.65 -3.47 2.38
CA VAL A 66 19.78 -3.89 1.57
C VAL A 66 21.08 -3.54 2.33
N ASN A 67 22.04 -4.47 2.35
CA ASN A 67 23.32 -4.23 3.00
C ASN A 67 24.39 -4.05 1.94
N VAL A 68 24.64 -2.80 1.52
CA VAL A 68 25.64 -2.49 0.49
C VAL A 68 26.55 -1.35 0.93
N THR A 69 27.82 -1.42 0.53
CA THR A 69 28.78 -0.36 0.85
C THR A 69 28.83 0.59 -0.35
N HIS A 70 28.04 1.67 -0.30
CA HIS A 70 28.01 2.65 -1.40
C HIS A 70 29.34 3.36 -1.63
N SER A 71 29.65 3.61 -2.90
CA SER A 71 30.87 4.31 -3.31
C SER A 71 30.78 5.84 -3.09
N GLY A 72 29.57 6.38 -3.15
CA GLY A 72 29.37 7.82 -3.01
C GLY A 72 29.33 8.57 -4.32
N THR A 73 29.57 7.87 -5.44
CA THR A 73 29.54 8.41 -6.80
C THR A 73 28.35 7.86 -7.63
N GLU A 74 27.32 7.30 -6.98
CA GLU A 74 26.16 6.82 -7.70
C GLU A 74 25.28 8.02 -8.08
N ILE A 75 24.78 8.04 -9.32
CA ILE A 75 23.81 9.04 -9.73
C ILE A 75 22.37 8.40 -9.83
N VAL A 76 22.22 7.14 -9.38
CA VAL A 76 20.93 6.46 -9.36
C VAL A 76 20.57 6.14 -7.91
N ASP A 77 19.42 6.62 -7.44
CA ASP A 77 18.96 6.38 -6.08
C ASP A 77 17.80 5.40 -6.09
N LEU A 78 17.74 4.52 -5.11
CA LEU A 78 16.63 3.59 -4.96
C LEU A 78 16.04 3.77 -3.56
N MET A 79 14.73 4.03 -3.49
CA MET A 79 14.05 4.17 -2.21
C MET A 79 12.60 3.71 -2.33
N CYS A 80 11.91 3.49 -1.20
CA CYS A 80 10.51 3.11 -1.23
C CYS A 80 9.59 4.27 -1.66
N HIS A 81 8.36 3.96 -2.16
CA HIS A 81 7.38 5.00 -2.53
C HIS A 81 7.12 5.98 -1.34
N ALA A 82 6.96 5.43 -0.11
CA ALA A 82 6.66 6.20 1.12
C ALA A 82 7.82 7.11 1.55
N THR A 83 9.06 6.64 1.37
CA THR A 83 10.27 7.42 1.69
C THR A 83 10.36 8.64 0.76
N PHE A 84 10.12 8.46 -0.54
CA PHE A 84 10.15 9.59 -1.49
C PHE A 84 9.18 10.72 -1.05
N THR A 85 7.91 10.35 -0.80
CA THR A 85 6.86 11.28 -0.39
C THR A 85 7.17 11.90 0.97
N SER A 86 7.69 11.10 1.89
CA SER A 86 8.09 11.59 3.22
C SER A 86 9.19 12.65 3.11
N ARG A 87 10.22 12.37 2.30
CA ARG A 87 11.32 13.31 2.13
C ARG A 87 10.88 14.60 1.44
N LEU A 88 9.89 14.52 0.52
CA LEU A 88 9.35 15.72 -0.12
C LEU A 88 8.66 16.60 0.91
N LEU A 89 7.91 15.99 1.83
CA LEU A 89 7.15 16.69 2.87
C LEU A 89 8.03 17.36 3.95
N GLN A 90 9.11 16.71 4.32
CA GLN A 90 10.03 17.20 5.34
C GLN A 90 10.98 18.30 4.82
N PRO A 91 11.64 19.09 5.72
CA PRO A 91 12.58 20.10 5.24
C PRO A 91 13.94 19.50 4.90
N ILE A 92 13.93 18.46 4.07
CA ILE A 92 15.10 17.76 3.53
C ILE A 92 15.10 18.04 2.03
N ARG A 93 16.28 18.30 1.49
CA ARG A 93 16.51 18.60 0.09
C ARG A 93 16.46 17.32 -0.72
N VAL A 94 15.52 17.25 -1.66
CA VAL A 94 15.38 16.07 -2.53
C VAL A 94 15.82 16.55 -3.91
N PRO A 95 16.77 15.87 -4.57
CA PRO A 95 17.18 16.34 -5.91
C PRO A 95 16.02 16.33 -6.90
N ASN A 96 16.06 17.21 -7.91
CA ASN A 96 15.00 17.22 -8.90
C ASN A 96 15.44 16.21 -10.00
N TYR A 97 15.17 14.92 -9.77
CA TYR A 97 15.52 13.83 -10.66
C TYR A 97 15.08 14.02 -12.12
N ASN A 98 16.01 13.81 -13.07
CA ASN A 98 15.73 13.92 -14.51
C ASN A 98 14.84 12.74 -14.97
N LEU A 99 15.04 11.55 -14.37
CA LEU A 99 14.30 10.33 -14.67
C LEU A 99 13.70 9.74 -13.39
N ASN A 100 12.39 9.54 -13.40
CA ASN A 100 11.66 9.02 -12.26
C ASN A 100 11.02 7.68 -12.64
N ILE A 101 11.51 6.58 -12.07
CA ILE A 101 11.00 5.25 -12.37
C ILE A 101 10.21 4.71 -11.18
N MET A 102 8.93 4.41 -11.38
CA MET A 102 8.14 3.83 -10.31
C MET A 102 7.79 2.38 -10.62
N ASP A 103 8.27 1.44 -9.81
CA ASP A 103 7.87 0.04 -9.97
C ASP A 103 6.59 -0.21 -9.17
N GLU A 104 5.75 -1.15 -9.66
CA GLU A 104 4.42 -1.51 -9.09
C GLU A 104 3.61 -0.24 -8.91
N ALA A 105 3.58 0.55 -10.00
CA ALA A 105 2.96 1.85 -10.02
C ALA A 105 1.43 1.85 -9.86
N HIS A 106 0.83 0.68 -9.63
CA HIS A 106 -0.61 0.58 -9.38
C HIS A 106 -0.95 0.75 -7.88
N PHE A 107 0.07 0.77 -6.98
CA PHE A 107 -0.10 0.85 -5.53
C PHE A 107 -1.00 2.02 -5.14
N THR A 108 -2.10 1.72 -4.41
CA THR A 108 -3.08 2.75 -4.08
C THR A 108 -2.94 3.33 -2.67
N ASP A 109 -1.81 3.09 -1.96
CA ASP A 109 -1.61 3.74 -0.67
C ASP A 109 -1.44 5.27 -0.90
N PRO A 110 -1.90 6.11 0.04
CA PRO A 110 -1.86 7.57 -0.18
C PRO A 110 -0.51 8.11 -0.63
N SER A 111 0.59 7.62 -0.02
CA SER A 111 1.93 8.08 -0.37
C SER A 111 2.33 7.71 -1.83
N SER A 112 1.85 6.58 -2.33
CA SER A 112 2.14 6.17 -3.72
C SER A 112 1.36 7.06 -4.71
N ILE A 113 0.06 7.28 -4.45
CA ILE A 113 -0.77 8.17 -5.28
C ILE A 113 -0.15 9.59 -5.31
N ALA A 114 0.31 10.10 -4.13
CA ALA A 114 0.93 11.42 -4.04
C ALA A 114 2.23 11.47 -4.87
N ALA A 115 3.10 10.44 -4.77
CA ALA A 115 4.32 10.37 -5.56
C ALA A 115 3.99 10.44 -7.09
N ARG A 116 2.95 9.67 -7.55
CA ARG A 116 2.54 9.72 -8.96
C ARG A 116 2.07 11.10 -9.37
N GLY A 117 1.38 11.79 -8.48
CA GLY A 117 0.90 13.14 -8.78
C GLY A 117 2.04 14.14 -8.94
N TYR A 118 2.99 14.10 -8.01
CA TYR A 118 4.16 14.96 -8.03
C TYR A 118 5.02 14.73 -9.28
N ILE A 119 5.35 13.46 -9.56
CA ILE A 119 6.18 13.10 -10.71
C ILE A 119 5.49 13.48 -12.04
N SER A 120 4.20 13.10 -12.21
CA SER A 120 3.49 13.43 -13.45
C SER A 120 3.35 14.95 -13.67
N THR A 121 3.28 15.73 -12.59
CA THR A 121 3.19 17.20 -12.75
C THR A 121 4.52 17.75 -13.25
N ARG A 122 5.64 17.27 -12.69
CA ARG A 122 6.98 17.66 -13.13
C ARG A 122 7.15 17.32 -14.62
N VAL A 123 6.66 16.15 -15.05
CA VAL A 123 6.71 15.78 -16.46
C VAL A 123 5.86 16.75 -17.31
N GLU A 124 4.60 17.02 -16.92
CA GLU A 124 3.71 17.96 -17.63
C GLU A 124 4.35 19.35 -17.76
N MET A 125 5.08 19.80 -16.74
CA MET A 125 5.78 21.08 -16.77
C MET A 125 6.97 21.13 -17.74
N GLY A 126 7.41 19.98 -18.23
CA GLY A 126 8.55 19.86 -19.13
C GLY A 126 9.89 19.74 -18.43
N GLU A 127 9.87 19.40 -17.12
CA GLU A 127 11.05 19.35 -16.27
C GLU A 127 11.71 18.00 -16.07
N ALA A 128 10.99 16.91 -16.38
CA ALA A 128 11.47 15.58 -16.10
C ALA A 128 10.84 14.53 -17.02
N ALA A 129 11.40 13.31 -17.02
CA ALA A 129 10.85 12.15 -17.70
C ALA A 129 10.42 11.18 -16.58
N ALA A 130 9.54 10.25 -16.91
CA ALA A 130 9.08 9.27 -15.94
C ALA A 130 8.66 7.97 -16.59
N ILE A 131 8.85 6.87 -15.87
CA ILE A 131 8.42 5.54 -16.32
C ILE A 131 7.60 4.91 -15.18
N PHE A 132 6.34 4.60 -15.46
CA PHE A 132 5.48 3.94 -14.50
C PHE A 132 5.41 2.46 -14.94
N MET A 133 5.90 1.54 -14.08
CA MET A 133 5.91 0.13 -14.39
C MET A 133 4.78 -0.60 -13.67
N THR A 134 3.77 -1.03 -14.45
CA THR A 134 2.64 -1.83 -13.95
C THR A 134 1.88 -2.54 -15.06
N ALA A 135 1.48 -3.77 -14.80
CA ALA A 135 0.60 -4.49 -15.71
C ALA A 135 -0.80 -3.87 -15.70
N THR A 136 -1.23 -3.21 -14.60
CA THR A 136 -2.57 -2.69 -14.41
C THR A 136 -2.61 -1.19 -14.13
N PRO A 137 -2.46 -0.37 -15.20
CA PRO A 137 -2.50 1.08 -15.02
C PRO A 137 -3.86 1.56 -14.51
N PRO A 138 -3.95 2.79 -13.96
CA PRO A 138 -5.23 3.26 -13.42
C PRO A 138 -6.36 3.22 -14.43
N GLY A 139 -7.48 2.65 -14.03
CA GLY A 139 -8.65 2.58 -14.89
C GLY A 139 -8.73 1.34 -15.76
N THR A 140 -7.80 0.37 -15.59
CA THR A 140 -7.85 -0.87 -16.37
C THR A 140 -9.15 -1.61 -16.11
N ARG A 141 -9.77 -2.10 -17.18
CA ARG A 141 -11.02 -2.83 -17.11
C ARG A 141 -10.82 -4.34 -17.31
N ASP A 142 -9.57 -4.82 -17.46
CA ASP A 142 -9.34 -6.25 -17.72
C ASP A 142 -8.81 -6.97 -16.47
N ALA A 143 -9.65 -7.80 -15.87
CA ALA A 143 -9.27 -8.60 -14.72
C ALA A 143 -8.50 -9.87 -15.12
N PHE A 144 -8.50 -10.25 -16.41
CA PHE A 144 -7.83 -11.48 -16.84
C PHE A 144 -6.76 -11.22 -17.91
N PRO A 145 -5.65 -10.54 -17.56
CA PRO A 145 -4.60 -10.29 -18.56
C PRO A 145 -3.78 -11.53 -18.92
N ASP A 146 -2.88 -11.38 -19.89
CA ASP A 146 -2.00 -12.48 -20.31
C ASP A 146 -1.09 -12.94 -19.15
N SER A 147 -0.55 -14.15 -19.27
CA SER A 147 0.35 -14.72 -18.28
C SER A 147 1.41 -15.60 -18.98
N ASN A 148 2.45 -16.00 -18.24
CA ASN A 148 3.54 -16.82 -18.76
C ASN A 148 3.09 -18.22 -19.15
N SER A 149 2.13 -18.78 -18.39
CA SER A 149 1.53 -20.06 -18.74
C SER A 149 0.00 -19.99 -18.49
N PRO A 150 -0.79 -20.79 -19.24
CA PRO A 150 -2.26 -20.74 -19.10
C PRO A 150 -2.75 -20.96 -17.67
N ILE A 151 -3.80 -20.24 -17.31
CA ILE A 151 -4.43 -20.32 -15.99
C ILE A 151 -5.84 -20.89 -16.12
N MET A 152 -6.26 -21.73 -15.16
CA MET A 152 -7.63 -22.25 -15.11
C MET A 152 -8.45 -21.27 -14.25
N ASP A 153 -9.27 -20.44 -14.87
CA ASP A 153 -10.10 -19.44 -14.15
C ASP A 153 -11.46 -20.04 -13.78
N THR A 154 -11.83 -20.05 -12.49
CA THR A 154 -13.11 -20.62 -12.08
C THR A 154 -13.87 -19.73 -11.14
N GLU A 155 -15.11 -19.34 -11.51
CA GLU A 155 -15.97 -18.53 -10.64
C GLU A 155 -16.59 -19.51 -9.65
N VAL A 156 -16.36 -19.32 -8.34
CA VAL A 156 -16.88 -20.24 -7.33
C VAL A 156 -17.14 -19.52 -6.00
N GLU A 157 -18.10 -20.03 -5.21
CA GLU A 157 -18.37 -19.49 -3.88
C GLU A 157 -17.15 -19.74 -3.00
N VAL A 158 -16.57 -18.70 -2.42
CA VAL A 158 -15.39 -18.76 -1.55
C VAL A 158 -15.78 -18.45 -0.11
N PRO A 159 -15.44 -19.33 0.86
CA PRO A 159 -15.75 -19.03 2.25
C PRO A 159 -15.04 -17.79 2.75
N GLU A 160 -15.78 -17.00 3.54
CA GLU A 160 -15.26 -15.81 4.22
C GLU A 160 -15.36 -15.95 5.75
N ARG A 161 -15.74 -17.15 6.25
CA ARG A 161 -15.86 -17.49 7.66
C ARG A 161 -15.37 -18.93 7.81
N ALA A 162 -15.21 -19.42 9.06
CA ALA A 162 -14.87 -20.83 9.29
C ALA A 162 -16.02 -21.70 8.72
N TRP A 163 -15.71 -22.90 8.21
CA TRP A 163 -16.73 -23.76 7.63
C TRP A 163 -16.55 -25.19 8.12
N SER A 164 -17.63 -25.97 8.13
CA SER A 164 -17.61 -27.39 8.50
C SER A 164 -17.81 -28.28 7.26
N SER A 165 -18.57 -27.79 6.27
CA SER A 165 -18.87 -28.57 5.08
C SER A 165 -19.16 -27.66 3.86
N GLY A 166 -19.18 -28.25 2.68
CA GLY A 166 -19.54 -27.56 1.45
C GLY A 166 -18.43 -26.91 0.65
N PHE A 167 -17.17 -27.01 1.11
CA PHE A 167 -16.03 -26.42 0.39
C PHE A 167 -14.86 -27.42 0.35
N ASP A 168 -15.15 -28.70 0.09
CA ASP A 168 -14.12 -29.75 0.05
C ASP A 168 -12.95 -29.41 -0.87
N TRP A 169 -13.22 -28.73 -2.01
CA TRP A 169 -12.18 -28.36 -2.98
C TRP A 169 -11.03 -27.54 -2.37
N VAL A 170 -11.33 -26.75 -1.33
CA VAL A 170 -10.34 -25.92 -0.65
C VAL A 170 -9.25 -26.77 0.02
N THR A 171 -9.64 -27.75 0.85
CA THR A 171 -8.70 -28.57 1.61
C THR A 171 -8.23 -29.83 0.86
N ASP A 172 -8.96 -30.25 -0.19
CA ASP A 172 -8.56 -31.45 -0.95
C ASP A 172 -7.34 -31.25 -1.86
N HIS A 173 -6.93 -30.03 -2.10
CA HIS A 173 -5.80 -29.65 -2.95
C HIS A 173 -4.46 -30.02 -2.30
N SER A 174 -3.49 -30.47 -3.09
CA SER A 174 -2.19 -30.87 -2.55
C SER A 174 -1.02 -29.91 -2.82
N GLY A 175 -1.29 -28.78 -3.47
CA GLY A 175 -0.25 -27.82 -3.79
C GLY A 175 -0.20 -26.68 -2.80
N LYS A 176 0.31 -25.53 -3.23
CA LYS A 176 0.39 -24.36 -2.35
C LYS A 176 -0.60 -23.32 -2.84
N THR A 177 -1.35 -22.72 -1.91
CA THR A 177 -2.39 -21.73 -2.21
C THR A 177 -2.15 -20.37 -1.59
N VAL A 178 -2.35 -19.31 -2.36
CA VAL A 178 -2.30 -17.95 -1.84
C VAL A 178 -3.74 -17.45 -1.84
N TRP A 179 -4.27 -17.11 -0.67
CA TRP A 179 -5.66 -16.73 -0.47
C TRP A 179 -5.77 -15.28 -0.01
N PHE A 180 -6.39 -14.44 -0.83
CA PHE A 180 -6.61 -13.02 -0.55
C PHE A 180 -7.94 -12.81 0.17
N VAL A 181 -7.87 -12.25 1.36
CA VAL A 181 -9.02 -11.93 2.22
C VAL A 181 -9.21 -10.40 2.34
N PRO A 182 -10.42 -9.91 2.68
CA PRO A 182 -10.63 -8.43 2.77
C PRO A 182 -10.05 -7.74 4.00
N SER A 183 -9.69 -8.49 5.05
CA SER A 183 -9.13 -7.87 6.27
C SER A 183 -8.31 -8.85 7.11
N VAL A 184 -7.47 -8.30 8.03
CA VAL A 184 -6.70 -9.10 8.97
C VAL A 184 -7.62 -10.01 9.83
N ARG A 185 -8.70 -9.44 10.41
CA ARG A 185 -9.65 -10.20 11.23
C ARG A 185 -10.31 -11.34 10.48
N ASN A 186 -10.67 -11.13 9.20
CA ASN A 186 -11.28 -12.19 8.40
CA ASN A 186 -11.26 -12.15 8.35
C ASN A 186 -10.25 -13.29 8.12
N GLY A 187 -9.00 -12.90 7.84
CA GLY A 187 -7.94 -13.87 7.62
C GLY A 187 -7.63 -14.70 8.85
N ASN A 188 -7.73 -14.09 10.06
CA ASN A 188 -7.50 -14.80 11.33
C ASN A 188 -8.48 -16.01 11.47
N GLU A 189 -9.78 -15.79 11.16
CA GLU A 189 -10.80 -16.84 11.26
C GLU A 189 -10.57 -17.98 10.23
N ILE A 190 -10.31 -17.63 8.98
CA ILE A 190 -10.03 -18.63 7.94
C ILE A 190 -8.73 -19.38 8.28
N ALA A 191 -7.70 -18.66 8.76
CA ALA A 191 -6.43 -19.29 9.13
C ALA A 191 -6.63 -20.33 10.23
N ALA A 192 -7.42 -19.99 11.28
CA ALA A 192 -7.74 -20.89 12.40
C ALA A 192 -8.47 -22.16 11.93
N CYS A 193 -9.43 -22.01 11.00
CA CYS A 193 -10.19 -23.10 10.41
C CYS A 193 -9.24 -24.03 9.65
N LEU A 194 -8.34 -23.47 8.84
CA LEU A 194 -7.37 -24.27 8.06
C LEU A 194 -6.37 -24.95 8.98
N THR A 195 -5.91 -24.27 10.05
CA THR A 195 -4.97 -24.88 11.00
C THR A 195 -5.62 -26.06 11.72
N LYS A 196 -6.88 -25.92 12.15
CA LYS A 196 -7.61 -27.01 12.81
C LYS A 196 -7.76 -28.22 11.89
N ALA A 197 -7.80 -28.01 10.56
CA ALA A 197 -7.86 -29.09 9.56
C ALA A 197 -6.49 -29.68 9.20
N GLY A 198 -5.42 -29.28 9.89
CA GLY A 198 -4.08 -29.83 9.66
C GLY A 198 -3.20 -29.07 8.68
N LYS A 199 -3.66 -27.89 8.20
CA LYS A 199 -2.84 -27.13 7.24
C LYS A 199 -1.84 -26.21 7.93
N ARG A 200 -0.70 -25.94 7.27
CA ARG A 200 0.33 -25.01 7.77
C ARG A 200 0.07 -23.69 7.09
N VAL A 201 -0.28 -22.69 7.87
CA VAL A 201 -0.70 -21.39 7.37
C VAL A 201 0.24 -20.26 7.77
N ILE A 202 0.54 -19.35 6.84
CA ILE A 202 1.29 -18.13 7.12
C ILE A 202 0.30 -16.98 6.84
N GLN A 203 0.29 -15.94 7.68
CA GLN A 203 -0.58 -14.79 7.46
C GLN A 203 0.26 -13.53 7.18
N LEU A 204 -0.16 -12.73 6.20
CA LEU A 204 0.52 -11.50 5.80
C LEU A 204 -0.44 -10.35 5.82
N SER A 205 0.06 -9.21 6.28
CA SER A 205 -0.64 -7.94 6.29
C SER A 205 0.40 -6.79 6.24
N ARG A 206 -0.04 -5.53 6.05
CA ARG A 206 0.90 -4.40 5.95
C ARG A 206 1.95 -4.33 7.07
N LYS A 207 1.51 -4.46 8.33
CA LYS A 207 2.41 -4.34 9.49
C LYS A 207 3.35 -5.52 9.66
N THR A 208 2.96 -6.72 9.23
CA THR A 208 3.80 -7.91 9.43
C THR A 208 4.56 -8.37 8.18
N PHE A 209 4.32 -7.73 7.01
CA PHE A 209 4.83 -8.15 5.73
C PHE A 209 6.32 -8.59 5.68
N GLU A 210 7.32 -7.74 5.97
CA GLU A 210 8.73 -8.16 5.82
C GLU A 210 9.12 -9.41 6.61
N THR A 211 8.69 -9.46 7.88
CA THR A 211 8.98 -10.57 8.78
C THR A 211 8.27 -11.86 8.37
N GLU A 212 6.95 -11.80 8.14
CA GLU A 212 6.20 -13.01 7.79
C GLU A 212 6.48 -13.47 6.36
N PHE A 213 6.82 -12.54 5.42
CA PHE A 213 7.09 -12.94 4.04
C PHE A 213 8.32 -13.86 3.97
N GLN A 214 9.34 -13.60 4.80
CA GLN A 214 10.53 -14.45 4.84
C GLN A 214 10.17 -15.92 5.18
N LYS A 215 9.09 -16.14 5.96
CA LYS A 215 8.62 -17.50 6.30
C LYS A 215 8.17 -18.31 5.08
N THR A 216 7.71 -17.63 4.02
CA THR A 216 7.30 -18.28 2.78
C THR A 216 8.47 -18.93 2.07
N LYS A 217 9.72 -18.47 2.34
CA LYS A 217 10.96 -19.04 1.81
C LYS A 217 11.62 -20.00 2.84
N ASN A 218 11.59 -19.65 4.14
CA ASN A 218 12.26 -20.43 5.18
C ASN A 218 11.54 -21.70 5.69
N GLN A 219 10.23 -21.85 5.42
CA GLN A 219 9.52 -23.04 5.89
C GLN A 219 8.47 -23.57 4.92
N GLU A 220 8.10 -24.84 5.10
CA GLU A 220 7.07 -25.46 4.29
C GLU A 220 5.71 -24.95 4.73
N TRP A 221 4.88 -24.62 3.76
CA TRP A 221 3.55 -24.08 4.01
C TRP A 221 2.55 -24.65 3.03
N ASP A 222 1.28 -24.69 3.42
CA ASP A 222 0.19 -25.15 2.56
C ASP A 222 -0.61 -23.93 2.08
N PHE A 223 -0.84 -22.93 2.97
CA PHE A 223 -1.58 -21.73 2.58
C PHE A 223 -0.88 -20.44 3.05
N VAL A 224 -1.01 -19.37 2.24
CA VAL A 224 -0.64 -18.01 2.61
C VAL A 224 -1.99 -17.23 2.66
N ILE A 225 -2.36 -16.68 3.81
CA ILE A 225 -3.58 -15.88 3.95
C ILE A 225 -3.10 -14.46 3.95
N THR A 226 -3.54 -13.67 2.96
CA THR A 226 -3.04 -12.31 2.85
C THR A 226 -4.08 -11.24 2.54
N THR A 227 -3.78 -10.01 2.95
CA THR A 227 -4.60 -8.87 2.56
C THR A 227 -4.08 -8.43 1.15
N ASP A 228 -4.63 -7.32 0.61
CA ASP A 228 -4.28 -6.75 -0.68
C ASP A 228 -2.81 -6.30 -0.77
N ILE A 229 -2.03 -6.30 0.34
CA ILE A 229 -0.60 -5.91 0.27
C ILE A 229 0.18 -6.83 -0.71
N SER A 230 -0.25 -8.11 -0.81
CA SER A 230 0.45 -9.05 -1.70
C SER A 230 0.20 -8.80 -3.22
N GLU A 231 -0.58 -7.75 -3.57
CA GLU A 231 -0.78 -7.32 -4.97
C GLU A 231 0.43 -6.51 -5.48
N MET A 232 1.37 -6.09 -4.59
CA MET A 232 2.50 -5.24 -4.94
C MET A 232 3.84 -5.98 -5.14
N GLY A 233 3.89 -6.90 -6.09
CA GLY A 233 5.13 -7.58 -6.43
C GLY A 233 5.61 -8.72 -5.55
N ALA A 234 4.83 -9.09 -4.52
CA ALA A 234 5.16 -10.22 -3.65
C ALA A 234 5.03 -11.48 -4.48
N ASN A 235 6.10 -12.28 -4.57
CA ASN A 235 6.05 -13.49 -5.37
C ASN A 235 6.15 -14.74 -4.55
N PHE A 236 5.40 -15.75 -4.98
CA PHE A 236 5.28 -17.01 -4.28
C PHE A 236 5.53 -18.18 -5.23
N LYS A 237 5.83 -19.34 -4.67
CA LYS A 237 6.03 -20.55 -5.47
C LYS A 237 4.75 -21.33 -5.19
N ALA A 238 3.67 -20.94 -5.84
CA ALA A 238 2.36 -21.53 -5.59
C ALA A 238 1.69 -22.02 -6.88
N ASP A 239 0.65 -22.86 -6.77
CA ASP A 239 -0.08 -23.32 -7.96
C ASP A 239 -1.57 -22.93 -7.96
N ARG A 240 -2.02 -22.19 -6.93
CA ARG A 240 -3.41 -21.78 -6.85
C ARG A 240 -3.55 -20.46 -6.12
N VAL A 241 -4.44 -19.61 -6.59
CA VAL A 241 -4.86 -18.42 -5.89
C VAL A 241 -6.37 -18.59 -5.59
N ILE A 242 -6.78 -18.36 -4.34
CA ILE A 242 -8.16 -18.31 -3.96
C ILE A 242 -8.41 -16.82 -3.69
N ASP A 243 -9.36 -16.22 -4.37
CA ASP A 243 -9.60 -14.79 -4.27
C ASP A 243 -11.03 -14.49 -3.90
N SER A 244 -11.25 -14.01 -2.67
CA SER A 244 -12.59 -13.65 -2.23
C SER A 244 -13.20 -12.53 -3.16
N ARG A 245 -12.32 -11.79 -3.87
CA ARG A 245 -12.66 -10.63 -4.72
C ARG A 245 -13.25 -9.49 -3.88
N ARG A 246 -12.92 -9.44 -2.55
CA ARG A 246 -13.45 -8.42 -1.66
C ARG A 246 -12.35 -7.65 -0.94
N CYS A 247 -12.67 -6.43 -0.54
CA CYS A 247 -11.72 -5.54 0.13
C CYS A 247 -12.52 -4.60 1.04
N LEU A 248 -11.82 -3.91 1.95
CA LEU A 248 -12.45 -2.87 2.76
C LEU A 248 -12.16 -1.54 2.09
N LYS A 249 -13.08 -0.58 2.24
CA LYS A 249 -12.92 0.72 1.64
C LYS A 249 -13.05 1.81 2.71
N PRO A 250 -11.98 2.57 2.98
CA PRO A 250 -12.09 3.67 3.94
C PRO A 250 -12.92 4.78 3.29
N VAL A 251 -13.96 5.26 3.98
CA VAL A 251 -14.87 6.29 3.47
C VAL A 251 -15.00 7.44 4.48
N ILE A 252 -14.85 8.68 4.02
CA ILE A 252 -15.03 9.83 4.89
C ILE A 252 -16.53 10.21 4.89
N LEU A 253 -17.17 10.19 6.07
CA LEU A 253 -18.59 10.57 6.18
C LEU A 253 -18.72 11.99 6.66
N ASP A 254 -19.51 12.82 5.95
CA ASP A 254 -19.74 14.22 6.32
C ASP A 254 -18.46 14.99 6.71
N GLY A 255 -17.32 14.63 6.13
CA GLY A 255 -16.03 15.22 6.45
C GLY A 255 -15.64 15.18 7.92
N GLU A 256 -16.28 14.31 8.72
CA GLU A 256 -16.06 14.30 10.17
C GLU A 256 -15.60 12.96 10.78
N ARG A 257 -15.66 11.87 10.02
CA ARG A 257 -15.26 10.56 10.52
C ARG A 257 -14.88 9.65 9.36
N VAL A 258 -14.12 8.59 9.64
CA VAL A 258 -13.70 7.60 8.62
C VAL A 258 -14.20 6.22 9.09
N ILE A 259 -14.93 5.52 8.22
CA ILE A 259 -15.40 4.19 8.51
C ILE A 259 -14.74 3.23 7.50
N LEU A 260 -14.68 1.97 7.86
CA LEU A 260 -14.17 0.94 6.95
C LEU A 260 -15.41 0.22 6.37
N ALA A 261 -15.86 0.68 5.18
CA ALA A 261 -17.05 0.19 4.51
C ALA A 261 -16.77 -1.13 3.81
N GLY A 262 -17.81 -1.93 3.71
CA GLY A 262 -17.71 -3.23 3.06
C GLY A 262 -17.70 -4.41 4.01
N PRO A 263 -17.08 -5.56 3.63
CA PRO A 263 -16.31 -5.81 2.40
C PRO A 263 -17.11 -5.57 1.12
N MET A 264 -16.43 -5.09 0.09
CA MET A 264 -17.05 -4.81 -1.19
C MET A 264 -16.14 -5.26 -2.34
N PRO A 265 -16.64 -5.31 -3.59
CA PRO A 265 -15.79 -5.78 -4.69
C PRO A 265 -14.46 -5.04 -4.88
N VAL A 266 -13.44 -5.77 -5.32
CA VAL A 266 -12.14 -5.17 -5.63
C VAL A 266 -12.24 -4.53 -7.04
N THR A 267 -11.27 -3.66 -7.41
CA THR A 267 -11.17 -3.10 -8.75
C THR A 267 -10.69 -4.20 -9.71
N HIS A 268 -10.82 -3.98 -11.04
CA HIS A 268 -10.30 -4.95 -12.02
C HIS A 268 -8.76 -5.05 -11.87
N ALA A 269 -8.07 -3.91 -11.57
CA ALA A 269 -6.63 -3.86 -11.38
C ALA A 269 -6.23 -4.79 -10.21
N SER A 270 -6.96 -4.70 -9.06
CA SER A 270 -6.64 -5.55 -7.92
C SER A 270 -6.85 -7.01 -8.26
N ALA A 271 -7.98 -7.36 -8.89
CA ALA A 271 -8.25 -8.77 -9.26
C ALA A 271 -7.17 -9.32 -10.20
N ALA A 272 -6.76 -8.52 -11.19
CA ALA A 272 -5.72 -8.97 -12.13
C ALA A 272 -4.38 -9.16 -11.40
N GLN A 273 -4.08 -8.32 -10.42
CA GLN A 273 -2.83 -8.46 -9.63
C GLN A 273 -2.86 -9.69 -8.70
N ARG A 274 -4.02 -10.01 -8.11
CA ARG A 274 -4.21 -11.17 -7.21
C ARG A 274 -4.05 -12.44 -8.06
N ARG A 275 -4.75 -12.48 -9.23
CA ARG A 275 -4.63 -13.61 -10.15
C ARG A 275 -3.19 -13.76 -10.65
N GLY A 276 -2.53 -12.63 -10.91
CA GLY A 276 -1.16 -12.52 -11.41
C GLY A 276 -0.09 -13.19 -10.55
N ARG A 277 -0.42 -13.56 -9.27
CA ARG A 277 0.53 -14.29 -8.42
C ARG A 277 0.83 -15.68 -9.04
N ILE A 278 -0.10 -16.25 -9.85
CA ILE A 278 0.13 -17.59 -10.43
C ILE A 278 0.15 -17.50 -11.99
N GLY A 279 0.47 -18.62 -12.66
CA GLY A 279 0.62 -18.63 -14.12
C GLY A 279 1.95 -17.99 -14.56
N ARG A 280 2.89 -17.80 -13.62
CA ARG A 280 4.17 -17.14 -13.82
C ARG A 280 5.29 -18.03 -14.38
N ASN A 281 5.14 -19.35 -14.26
CA ASN A 281 6.17 -20.30 -14.72
C ASN A 281 5.73 -20.90 -16.05
N PRO A 282 6.41 -20.56 -17.15
CA PRO A 282 5.99 -21.08 -18.47
C PRO A 282 6.06 -22.61 -18.60
N ASN A 283 6.82 -23.27 -17.72
CA ASN A 283 6.91 -24.73 -17.70
C ASN A 283 5.86 -25.40 -16.78
N LYS A 284 5.01 -24.62 -16.09
CA LYS A 284 3.98 -25.18 -15.21
C LYS A 284 2.60 -24.64 -15.59
N PRO A 285 2.03 -25.11 -16.70
CA PRO A 285 0.67 -24.67 -17.06
C PRO A 285 -0.38 -25.27 -16.13
N GLY A 286 -1.56 -24.67 -16.09
CA GLY A 286 -2.64 -25.21 -15.28
C GLY A 286 -2.74 -24.72 -13.85
N ASP A 287 -2.04 -23.61 -13.51
CA ASP A 287 -2.21 -23.01 -12.17
C ASP A 287 -3.69 -22.53 -12.06
N GLU A 288 -4.29 -22.62 -10.87
CA GLU A 288 -5.71 -22.31 -10.71
C GLU A 288 -5.98 -20.95 -10.10
N TYR A 289 -7.06 -20.29 -10.56
CA TYR A 289 -7.51 -19.03 -9.99
C TYR A 289 -8.99 -19.17 -9.66
N MET A 290 -9.32 -19.31 -8.38
CA MET A 290 -10.71 -19.48 -7.94
C MET A 290 -11.17 -18.15 -7.43
N TYR A 291 -12.21 -17.55 -8.02
CA TYR A 291 -12.67 -16.23 -7.59
C TYR A 291 -14.14 -16.23 -7.13
N GLY A 292 -14.44 -15.49 -6.03
CA GLY A 292 -15.73 -15.52 -5.37
C GLY A 292 -16.63 -14.32 -5.47
N GLY A 293 -16.47 -13.52 -6.52
CA GLY A 293 -17.29 -12.33 -6.73
C GLY A 293 -16.83 -11.56 -7.95
N GLY A 294 -17.56 -10.53 -8.31
CA GLY A 294 -17.20 -9.70 -9.46
C GLY A 294 -16.36 -8.49 -9.08
N CYS A 295 -15.98 -7.66 -10.07
CA CYS A 295 -15.20 -6.42 -9.88
C CYS A 295 -16.10 -5.22 -10.02
N ALA A 296 -15.70 -4.12 -9.39
CA ALA A 296 -16.39 -2.84 -9.45
C ALA A 296 -15.37 -1.72 -9.19
N GLU A 297 -15.68 -0.46 -9.58
CA GLU A 297 -14.69 0.59 -9.40
CA GLU A 297 -14.80 0.69 -9.44
C GLU A 297 -14.86 1.24 -8.00
N THR A 298 -14.46 0.45 -6.99
CA THR A 298 -14.55 0.86 -5.60
C THR A 298 -13.42 1.82 -5.15
N ASP A 299 -12.54 2.27 -6.08
CA ASP A 299 -11.59 3.32 -5.74
C ASP A 299 -12.25 4.72 -5.85
N GLU A 300 -13.46 4.83 -6.45
CA GLU A 300 -14.14 6.14 -6.53
C GLU A 300 -14.66 6.49 -5.13
N GLY A 301 -14.27 7.63 -4.58
CA GLY A 301 -14.68 8.04 -3.25
C GLY A 301 -13.92 7.33 -2.11
N HIS A 302 -12.87 6.58 -2.45
CA HIS A 302 -12.05 5.87 -1.48
C HIS A 302 -11.14 6.94 -0.81
N ALA A 303 -11.07 6.96 0.53
CA ALA A 303 -10.31 7.97 1.29
C ALA A 303 -8.84 8.15 0.89
N HIS A 304 -8.17 7.11 0.33
CA HIS A 304 -6.78 7.25 -0.08
C HIS A 304 -6.53 8.37 -1.09
N TRP A 305 -7.47 8.63 -2.02
CA TRP A 305 -7.26 9.70 -3.00
C TRP A 305 -7.43 11.10 -2.37
N LEU A 306 -8.33 11.22 -1.39
CA LEU A 306 -8.49 12.47 -0.63
C LEU A 306 -7.18 12.65 0.20
N GLU A 307 -6.71 11.59 0.86
CA GLU A 307 -5.46 11.65 1.63
C GLU A 307 -4.23 12.01 0.76
N ALA A 308 -4.18 11.57 -0.51
CA ALA A 308 -3.10 11.94 -1.44
C ALA A 308 -3.12 13.44 -1.74
N ARG A 309 -4.32 14.02 -1.83
CA ARG A 309 -4.51 15.45 -1.99
C ARG A 309 -4.00 16.22 -0.75
N MET A 310 -4.23 15.69 0.47
CA MET A 310 -3.74 16.35 1.70
C MET A 310 -2.19 16.38 1.69
N LEU A 311 -1.56 15.31 1.21
CA LEU A 311 -0.11 15.23 1.16
C LEU A 311 0.45 16.22 0.08
N LEU A 312 -0.11 16.17 -1.15
CA LEU A 312 0.30 17.02 -2.27
C LEU A 312 0.11 18.51 -2.02
N ASP A 313 -0.94 18.86 -1.26
CA ASP A 313 -1.15 20.29 -0.92
C ASP A 313 -0.05 20.84 -0.01
N ASN A 314 0.65 19.94 0.71
CA ASN A 314 1.71 20.31 1.63
C ASN A 314 3.13 19.98 1.10
N ILE A 315 3.29 19.83 -0.22
CA ILE A 315 4.60 19.61 -0.82
C ILE A 315 4.92 20.81 -1.70
N TYR A 316 6.10 21.41 -1.51
CA TYR A 316 6.49 22.55 -2.33
C TYR A 316 6.82 22.07 -3.75
N LEU A 317 6.33 22.78 -4.75
CA LEU A 317 6.59 22.44 -6.14
C LEU A 317 7.31 23.64 -6.80
N GLN A 318 6.64 24.80 -6.82
CA GLN A 318 7.14 26.05 -7.37
C GLN A 318 6.23 27.15 -6.85
N ASP A 319 6.76 28.14 -6.12
CA ASP A 319 6.04 29.26 -5.50
C ASP A 319 4.69 28.79 -4.82
N GLY A 320 3.54 29.17 -5.34
CA GLY A 320 2.26 28.75 -4.78
C GLY A 320 1.59 27.60 -5.52
N LEU A 321 2.22 27.09 -6.60
CA LEU A 321 1.68 25.99 -7.40
C LEU A 321 1.65 24.69 -6.61
N ILE A 322 0.64 23.86 -6.92
CA ILE A 322 0.45 22.60 -6.23
C ILE A 322 0.28 21.47 -7.25
N ALA A 323 0.98 20.36 -7.03
CA ALA A 323 0.91 19.22 -7.94
C ALA A 323 -0.50 18.62 -7.98
N SER A 324 -0.93 18.28 -9.17
CA SER A 324 -2.21 17.64 -9.41
C SER A 324 -2.02 16.14 -9.30
N LEU A 325 -3.12 15.37 -9.08
CA LEU A 325 -3.01 13.90 -9.16
C LEU A 325 -2.76 13.52 -10.59
N TYR A 326 -2.15 12.35 -10.80
CA TYR A 326 -1.92 11.74 -12.11
C TYR A 326 -3.28 11.62 -12.82
N ARG A 327 -3.37 12.22 -14.02
CA ARG A 327 -4.59 12.39 -14.79
C ARG A 327 -5.56 11.15 -14.76
N PRO A 328 -5.15 9.89 -15.07
CA PRO A 328 -6.13 8.79 -15.05
C PRO A 328 -6.75 8.43 -13.69
N GLU A 329 -6.17 8.91 -12.57
CA GLU A 329 -6.77 8.64 -11.25
C GLU A 329 -7.28 9.92 -10.56
N ALA A 330 -7.25 11.07 -11.24
CA ALA A 330 -7.66 12.35 -10.69
C ALA A 330 -9.15 12.50 -10.40
N ASP A 331 -10.04 11.76 -11.10
CA ASP A 331 -11.48 11.89 -10.84
C ASP A 331 -11.96 11.01 -9.67
N LYS A 332 -11.07 10.26 -9.01
CA LYS A 332 -11.47 9.40 -7.90
C LYS A 332 -11.84 10.20 -6.64
N VAL A 333 -11.49 11.48 -6.58
CA VAL A 333 -11.78 12.34 -5.44
C VAL A 333 -12.35 13.69 -5.88
N ALA A 334 -13.24 14.26 -5.08
CA ALA A 334 -13.78 15.59 -5.37
C ALA A 334 -13.04 16.52 -4.43
N ALA A 335 -12.02 17.24 -4.91
CA ALA A 335 -11.23 18.12 -4.04
C ALA A 335 -10.69 19.33 -4.74
N ILE A 336 -10.64 20.41 -4.01
CA ILE A 336 -10.11 21.67 -4.47
C ILE A 336 -8.60 21.63 -4.22
N GLU A 337 -7.76 21.71 -5.29
CA GLU A 337 -6.32 21.75 -5.15
C GLU A 337 -5.90 22.95 -4.33
N GLY A 338 -5.24 22.68 -3.20
CA GLY A 338 -4.81 23.69 -2.26
C GLY A 338 -5.68 23.84 -1.03
N GLU A 339 -6.84 23.15 -0.97
CA GLU A 339 -7.73 23.30 0.19
C GLU A 339 -7.13 22.75 1.51
N PHE A 340 -6.16 21.81 1.42
CA PHE A 340 -5.52 21.25 2.62
C PHE A 340 -4.14 21.87 2.95
N LYS A 341 -3.78 22.96 2.28
CA LYS A 341 -2.48 23.60 2.50
C LYS A 341 -2.36 24.20 3.89
N LEU A 342 -1.42 23.70 4.68
CA LEU A 342 -1.23 24.18 6.05
C LEU A 342 -0.08 25.19 6.15
N ARG A 343 -0.13 26.04 7.18
CA ARG A 343 0.97 26.95 7.48
C ARG A 343 2.15 26.16 8.10
N THR A 344 3.36 26.69 8.01
CA THR A 344 4.61 26.03 8.39
C THR A 344 4.53 25.19 9.68
N GLU A 345 4.08 25.77 10.79
CA GLU A 345 4.00 25.06 12.05
C GLU A 345 2.96 23.94 12.07
N GLN A 346 1.76 24.19 11.50
CA GLN A 346 0.75 23.12 11.44
C GLN A 346 1.20 22.00 10.51
N ARG A 347 1.94 22.34 9.44
CA ARG A 347 2.47 21.33 8.51
C ARG A 347 3.45 20.42 9.23
N LYS A 348 4.32 21.00 10.09
CA LYS A 348 5.27 20.22 10.86
C LYS A 348 4.54 19.26 11.81
N THR A 349 3.48 19.72 12.50
CA THR A 349 2.69 18.84 13.37
C THR A 349 2.07 17.67 12.52
N PHE A 350 1.48 18.01 11.35
CA PHE A 350 0.88 17.04 10.42
C PHE A 350 1.90 15.95 10.06
N VAL A 351 3.10 16.36 9.64
CA VAL A 351 4.18 15.43 9.28
C VAL A 351 4.56 14.53 10.47
N GLU A 352 4.78 15.14 11.65
CA GLU A 352 5.15 14.35 12.83
C GLU A 352 4.06 13.35 13.29
N LEU A 353 2.77 13.75 13.24
CA LEU A 353 1.68 12.83 13.59
C LEU A 353 1.68 11.59 12.66
N MET A 354 2.10 11.76 11.40
CA MET A 354 2.17 10.63 10.47
C MET A 354 3.46 9.85 10.66
N LYS A 355 4.60 10.52 10.71
CA LYS A 355 5.91 9.88 10.80
C LYS A 355 6.18 9.19 12.15
N ARG A 356 6.04 9.91 13.25
CA ARG A 356 6.27 9.34 14.57
C ARG A 356 4.96 8.81 15.18
N GLY A 357 3.86 9.54 14.99
CA GLY A 357 2.58 9.13 15.57
C GLY A 357 1.95 7.92 14.91
N ASP A 358 2.35 7.63 13.67
CA ASP A 358 1.85 6.51 12.87
C ASP A 358 0.33 6.59 12.68
N LEU A 359 -0.20 7.80 12.56
CA LEU A 359 -1.63 7.99 12.38
C LEU A 359 -1.99 7.99 10.92
N PRO A 360 -3.25 7.59 10.58
CA PRO A 360 -3.68 7.73 9.17
C PRO A 360 -3.58 9.19 8.72
N VAL A 361 -3.34 9.43 7.42
CA VAL A 361 -3.23 10.80 6.88
C VAL A 361 -4.40 11.70 7.29
N TRP A 362 -5.65 11.22 7.09
CA TRP A 362 -6.86 12.00 7.36
C TRP A 362 -6.91 12.44 8.82
N LEU A 363 -6.65 11.50 9.75
CA LEU A 363 -6.67 11.78 11.19
C LEU A 363 -5.55 12.76 11.59
N ALA A 364 -4.33 12.58 11.08
CA ALA A 364 -3.19 13.51 11.32
C ALA A 364 -3.57 14.93 10.86
N TYR A 365 -4.26 15.04 9.71
CA TYR A 365 -4.71 16.33 9.19
C TYR A 365 -5.73 17.01 10.10
N GLN A 366 -6.74 16.26 10.61
CA GLN A 366 -7.73 16.86 11.52
C GLN A 366 -7.07 17.45 12.76
N VAL A 367 -6.13 16.72 13.37
CA VAL A 367 -5.44 17.22 14.58
C VAL A 367 -4.56 18.45 14.27
N ALA A 368 -3.69 18.38 13.28
CA ALA A 368 -2.80 19.50 12.94
C ALA A 368 -3.57 20.76 12.53
N SER A 369 -4.63 20.61 11.69
CA SER A 369 -5.44 21.77 11.24
C SER A 369 -6.24 22.40 12.37
N ALA A 370 -6.52 21.66 13.44
CA ALA A 370 -7.21 22.21 14.61
C ALA A 370 -6.26 23.03 15.56
N GLY A 371 -4.98 23.17 15.19
CA GLY A 371 -4.03 23.93 16.00
C GLY A 371 -3.51 23.19 17.22
N ILE A 372 -3.65 21.86 17.25
CA ILE A 372 -3.16 21.04 18.36
C ILE A 372 -1.69 20.65 18.13
N THR A 373 -0.84 20.66 19.17
CA THR A 373 0.57 20.28 19.00
C THR A 373 0.73 18.75 19.12
N TYR A 374 1.82 18.23 18.56
CA TYR A 374 2.04 16.80 18.48
C TYR A 374 1.83 16.03 19.80
N THR A 375 2.43 16.49 20.92
CA THR A 375 2.37 15.80 22.23
C THR A 375 1.05 16.03 23.02
N ASP A 376 0.18 16.91 22.54
CA ASP A 376 -1.09 17.19 23.21
C ASP A 376 -2.13 16.12 22.85
N ARG A 377 -2.44 15.20 23.79
CA ARG A 377 -3.33 14.06 23.53
C ARG A 377 -4.75 14.19 24.12
N ARG A 378 -5.12 15.38 24.67
CA ARG A 378 -6.44 15.60 25.23
C ARG A 378 -7.59 15.25 24.24
N TRP A 379 -7.37 15.45 22.93
CA TRP A 379 -8.34 15.10 21.89
C TRP A 379 -8.67 13.60 21.82
N CYS A 380 -7.77 12.71 22.33
CA CYS A 380 -8.05 11.25 22.33
C CYS A 380 -9.17 10.85 23.32
N PHE A 381 -9.61 11.78 24.19
CA PHE A 381 -10.58 11.50 25.25
C PHE A 381 -11.81 12.42 25.31
N ASP A 382 -11.89 13.47 24.46
CA ASP A 382 -12.98 14.43 24.60
C ASP A 382 -14.01 14.42 23.47
N GLY A 383 -14.09 13.31 22.74
CA GLY A 383 -15.07 13.20 21.67
C GLY A 383 -16.47 12.84 22.16
N THR A 384 -17.45 12.77 21.24
CA THR A 384 -18.82 12.41 21.60
C THR A 384 -18.91 10.91 22.02
N THR A 385 -20.00 10.55 22.69
CA THR A 385 -20.24 9.18 23.17
C THR A 385 -20.19 8.13 22.06
N ASN A 386 -20.67 8.48 20.87
CA ASN A 386 -20.65 7.53 19.74
C ASN A 386 -19.24 7.29 19.19
N ASN A 387 -18.24 8.11 19.59
CA ASN A 387 -16.84 7.91 19.20
C ASN A 387 -16.06 7.02 20.16
N THR A 388 -16.73 6.40 21.15
CA THR A 388 -16.08 5.49 22.09
C THR A 388 -15.53 4.30 21.32
N ILE A 389 -14.26 3.98 21.56
CA ILE A 389 -13.62 2.85 20.88
C ILE A 389 -13.86 1.62 21.74
N MET A 390 -14.33 0.52 21.11
CA MET A 390 -14.64 -0.72 21.81
C MET A 390 -13.58 -1.80 21.63
N GLU A 391 -13.27 -2.51 22.72
CA GLU A 391 -12.31 -3.62 22.73
CA GLU A 391 -12.30 -3.60 22.75
C GLU A 391 -12.93 -4.78 23.48
N ASP A 392 -13.13 -5.91 22.81
CA ASP A 392 -13.75 -7.11 23.40
C ASP A 392 -15.14 -6.78 23.99
N SER A 393 -15.99 -6.11 23.20
CA SER A 393 -17.35 -5.69 23.54
C SER A 393 -17.49 -4.76 24.75
N VAL A 394 -16.40 -4.08 25.15
CA VAL A 394 -16.40 -3.16 26.29
C VAL A 394 -15.50 -1.92 25.92
N PRO A 395 -15.81 -0.69 26.37
CA PRO A 395 -14.97 0.46 25.98
C PRO A 395 -13.49 0.31 26.30
N ALA A 396 -12.62 0.68 25.35
CA ALA A 396 -11.18 0.61 25.53
C ALA A 396 -10.77 1.67 26.55
N GLU A 397 -9.85 1.32 27.45
CA GLU A 397 -9.39 2.28 28.47
C GLU A 397 -7.85 2.35 28.49
N VAL A 398 -7.32 3.52 28.82
CA VAL A 398 -5.85 3.69 28.92
C VAL A 398 -5.52 4.57 30.15
N TRP A 399 -4.26 4.51 30.61
CA TRP A 399 -3.82 5.44 31.62
C TRP A 399 -3.23 6.60 30.84
N THR A 400 -3.74 7.80 31.07
CA THR A 400 -3.22 8.97 30.40
C THR A 400 -1.77 9.26 30.89
N LYS A 401 -1.05 10.14 30.18
CA LYS A 401 0.27 10.59 30.63
C LYS A 401 0.20 11.26 32.02
N TYR A 402 -1.00 11.71 32.47
CA TYR A 402 -1.20 12.27 33.80
C TYR A 402 -1.43 11.20 34.90
N GLY A 403 -1.54 9.93 34.52
CA GLY A 403 -1.77 8.85 35.47
C GLY A 403 -3.22 8.58 35.77
N GLU A 404 -4.16 9.08 34.94
CA GLU A 404 -5.60 8.94 35.12
C GLU A 404 -6.17 7.88 34.16
N LYS A 405 -7.02 6.95 34.64
CA LYS A 405 -7.63 5.94 33.77
C LYS A 405 -8.80 6.56 33.03
N ARG A 406 -8.75 6.58 31.69
CA ARG A 406 -9.83 7.16 30.90
C ARG A 406 -10.26 6.28 29.74
N VAL A 407 -11.54 6.44 29.34
CA VAL A 407 -12.12 5.78 28.19
C VAL A 407 -11.60 6.46 26.92
N LEU A 408 -11.14 5.67 25.98
CA LEU A 408 -10.71 6.12 24.68
C LEU A 408 -11.94 6.60 23.86
N LYS A 409 -12.00 7.90 23.61
CA LYS A 409 -13.13 8.51 22.92
C LYS A 409 -12.58 9.69 22.11
N PRO A 410 -11.95 9.43 20.95
CA PRO A 410 -11.31 10.52 20.20
C PRO A 410 -12.30 11.50 19.59
N ARG A 411 -11.89 12.78 19.53
CA ARG A 411 -12.69 13.88 18.98
C ARG A 411 -13.03 13.59 17.50
N TRP A 412 -12.07 12.92 16.76
CA TRP A 412 -12.20 12.48 15.36
C TRP A 412 -12.00 10.98 15.37
N MET A 413 -13.01 10.26 14.88
CA MET A 413 -12.98 8.81 14.84
C MET A 413 -12.53 8.34 13.45
N ASP A 414 -11.44 7.62 13.39
CA ASP A 414 -10.97 7.04 12.14
C ASP A 414 -10.85 5.53 12.41
N ALA A 415 -11.73 4.70 11.78
CA ALA A 415 -11.81 3.24 12.02
C ALA A 415 -10.51 2.47 11.83
N ARG A 416 -9.56 3.05 11.11
CA ARG A 416 -8.27 2.41 10.89
C ARG A 416 -7.41 2.34 12.15
N VAL A 417 -7.69 3.20 13.17
CA VAL A 417 -6.92 3.14 14.42
C VAL A 417 -7.31 1.95 15.30
N CYS A 418 -8.40 1.23 14.97
CA CYS A 418 -8.85 0.07 15.73
C CYS A 418 -9.37 -1.05 14.78
N SER A 419 -8.84 -1.15 13.55
CA SER A 419 -9.31 -2.16 12.57
C SER A 419 -8.97 -3.62 12.96
N ASP A 420 -8.02 -3.78 13.89
CA ASP A 420 -7.56 -5.07 14.44
C ASP A 420 -6.87 -4.84 15.81
N HIS A 421 -6.55 -5.93 16.54
CA HIS A 421 -5.90 -5.84 17.84
C HIS A 421 -4.59 -5.04 17.82
N ALA A 422 -3.73 -5.27 16.81
CA ALA A 422 -2.44 -4.57 16.69
C ALA A 422 -2.63 -3.05 16.52
N ALA A 423 -3.51 -2.62 15.60
CA ALA A 423 -3.78 -1.20 15.39
C ALA A 423 -4.30 -0.55 16.69
N LEU A 424 -5.27 -1.18 17.39
CA LEU A 424 -5.82 -0.58 18.63
C LEU A 424 -4.75 -0.48 19.73
N LYS A 425 -3.88 -1.49 19.85
CA LYS A 425 -2.78 -1.47 20.82
C LYS A 425 -1.83 -0.28 20.55
N SER A 426 -1.50 -0.02 19.27
CA SER A 426 -0.64 1.10 18.88
C SER A 426 -1.37 2.44 19.18
N PHE A 427 -2.70 2.50 18.96
CA PHE A 427 -3.45 3.76 19.21
C PHE A 427 -3.56 4.06 20.71
N LYS A 428 -3.72 3.02 21.51
CA LYS A 428 -3.75 3.12 22.96
C LYS A 428 -2.42 3.66 23.49
N GLU A 429 -1.30 3.22 22.92
CA GLU A 429 0.04 3.71 23.29
C GLU A 429 0.17 5.20 22.92
N PHE A 430 -0.36 5.59 21.76
CA PHE A 430 -0.36 6.98 21.32
C PHE A 430 -1.20 7.84 22.27
N ALA A 431 -2.46 7.43 22.56
CA ALA A 431 -3.33 8.18 23.47
C ALA A 431 -2.69 8.36 24.86
N ALA A 432 -1.90 7.36 25.30
CA ALA A 432 -1.22 7.38 26.59
C ALA A 432 0.04 8.29 26.64
N GLY A 433 0.46 8.84 25.49
CA GLY A 433 1.65 9.67 25.36
C GLY A 433 2.94 8.86 25.31
N LYS A 434 2.87 7.60 24.86
CA LYS A 434 4.04 6.73 24.84
C LYS A 434 4.93 6.87 23.59
N ARG A 435 4.51 7.67 22.61
CA ARG A 435 5.35 7.99 21.45
C ARG A 435 4.96 9.36 20.88
#